data_8X4P
#
_entry.id   8X4P
#
_cell.length_a   119.060
_cell.length_b   79.960
_cell.length_c   85.410
_cell.angle_alpha   90.00
_cell.angle_beta   116.28
_cell.angle_gamma   90.00
#
_symmetry.space_group_name_H-M   'C 1 2 1'
#
loop_
_entity.id
_entity.type
_entity.pdbx_description
1 polymer 'Probable ribosomal RNA small subunit methyltransferase A'
2 non-polymer 'ZINC ION'
3 non-polymer SINEFUNGIN
4 water water
#
_entity_poly.entity_id   1
_entity_poly.type   'polypeptide(L)'
_entity_poly.pdbx_seq_one_letter_code
;MSSRIRINTKSLLVQPGYSGSKMRDRLFFLLSKYGIRPRDSIGQHFLIIEDVIEKAIETANVNENDVILEVGPGLGFLTD
ELAKRAKKVYTIEIDQKIIEILKKEYSWNNVKIIQGDAVRVEWPKFNKVVSNIPAKISSPFTFKLLKTDFERAVVMYQLE
FALRMVAKPGSRNYSRLSLMAQALGNVEIVMKIGKGAFYPRPKVDSALVLIEPRKDKIVLNENLVKALFQHRRKTVPRAL
KDSIHMLGVSKDEIRGIINNVPHSNKRVFQLYPEEVKDIEEYLKKHGIIS
;
_entity_poly.pdbx_strand_id   A,B
#
loop_
_chem_comp.id
_chem_comp.type
_chem_comp.name
_chem_comp.formula
SFG non-polymer SINEFUNGIN 'C15 H23 N7 O5'
ZN non-polymer 'ZINC ION' 'Zn 2'
#
# COMPACT_ATOMS: atom_id res chain seq x y z
N SER A 21 31.00 7.51 -27.01
CA SER A 21 32.02 7.58 -25.93
C SER A 21 32.62 9.00 -25.81
N LYS A 22 31.97 9.99 -26.42
CA LYS A 22 32.20 11.39 -26.08
C LYS A 22 31.55 11.65 -24.71
N MET A 23 30.39 11.03 -24.49
CA MET A 23 29.65 11.21 -23.26
C MET A 23 30.08 10.21 -22.19
N ARG A 24 30.65 9.07 -22.62
CA ARG A 24 31.04 8.02 -21.71
C ARG A 24 32.38 8.38 -21.06
N ASP A 25 33.32 9.02 -21.80
CA ASP A 25 34.56 9.47 -21.20
C ASP A 25 34.29 10.79 -20.46
N ARG A 26 33.13 11.40 -20.70
CA ARG A 26 32.72 12.52 -19.90
C ARG A 26 32.22 12.04 -18.54
N LEU A 27 31.55 10.89 -18.57
CA LEU A 27 31.05 10.20 -17.39
C LEU A 27 32.21 9.75 -16.51
N PHE A 28 33.09 8.92 -17.09
CA PHE A 28 34.36 8.50 -16.49
C PHE A 28 35.12 9.68 -15.92
N PHE A 29 35.16 10.81 -16.60
CA PHE A 29 35.89 11.93 -16.03
C PHE A 29 35.22 12.43 -14.76
N LEU A 30 33.89 12.59 -14.80
CA LEU A 30 33.14 13.02 -13.63
C LEU A 30 33.18 11.99 -12.50
N LEU A 31 33.06 10.69 -12.81
CA LEU A 31 33.00 9.64 -11.80
C LEU A 31 34.29 9.66 -11.01
N SER A 32 35.42 9.88 -11.69
CA SER A 32 36.75 9.81 -11.11
C SER A 32 37.08 11.12 -10.39
N LYS A 33 36.68 12.23 -10.99
CA LYS A 33 36.94 13.55 -10.44
C LYS A 33 36.41 13.64 -9.01
N TYR A 34 35.29 12.96 -8.71
CA TYR A 34 34.64 13.04 -7.41
C TYR A 34 34.83 11.74 -6.63
N GLY A 35 35.09 10.61 -7.31
CA GLY A 35 35.25 9.31 -6.67
C GLY A 35 33.92 8.59 -6.44
N ILE A 36 33.09 8.42 -7.47
CA ILE A 36 31.75 7.87 -7.28
C ILE A 36 31.70 6.44 -7.82
N ARG A 37 30.91 5.60 -7.13
CA ARG A 37 31.00 4.14 -7.13
C ARG A 37 30.80 3.61 -8.56
N PRO A 38 31.60 2.58 -9.02
CA PRO A 38 31.41 1.95 -10.34
C PRO A 38 29.98 1.54 -10.73
N ARG A 39 29.28 0.76 -9.89
CA ARG A 39 27.84 0.59 -10.01
C ARG A 39 27.36 0.73 -8.57
N ASP A 40 26.47 1.71 -8.37
CA ASP A 40 26.25 2.34 -7.08
C ASP A 40 25.53 1.26 -6.26
N SER A 41 24.49 0.64 -6.84
CA SER A 41 23.71 -0.36 -6.11
C SER A 41 23.09 -1.76 -6.28
N ILE A 42 22.45 -1.98 -7.44
CA ILE A 42 22.12 -3.31 -7.94
C ILE A 42 23.05 -2.71 -8.99
N GLY A 43 22.46 -1.97 -9.95
CA GLY A 43 23.20 -1.39 -11.06
C GLY A 43 22.53 -0.08 -11.45
N GLN A 44 23.23 1.04 -11.20
CA GLN A 44 22.85 2.35 -11.69
C GLN A 44 23.36 2.43 -13.13
N HIS A 45 22.42 2.58 -14.09
CA HIS A 45 22.70 2.49 -15.51
C HIS A 45 22.53 3.87 -16.15
N PHE A 46 23.61 4.67 -16.25
CA PHE A 46 23.54 6.07 -16.67
C PHE A 46 23.47 6.16 -18.19
N LEU A 47 22.72 7.14 -18.71
CA LEU A 47 22.47 7.26 -20.14
C LEU A 47 23.55 8.13 -20.79
N ILE A 48 24.16 7.63 -21.91
CA ILE A 48 25.41 8.15 -22.46
C ILE A 48 25.43 8.15 -23.99
N ILE A 49 24.29 8.41 -24.65
CA ILE A 49 24.25 8.69 -26.08
C ILE A 49 23.52 10.02 -26.27
N GLU A 50 24.05 10.85 -27.16
CA GLU A 50 23.44 12.14 -27.45
C GLU A 50 22.16 11.90 -28.27
N ASP A 51 22.22 11.01 -29.27
CA ASP A 51 21.07 10.57 -30.06
C ASP A 51 19.86 10.35 -29.13
N VAL A 52 19.99 9.44 -28.15
CA VAL A 52 18.87 8.93 -27.38
C VAL A 52 18.24 10.05 -26.53
N ILE A 53 19.08 10.86 -25.89
CA ILE A 53 18.65 11.96 -25.02
C ILE A 53 17.85 12.98 -25.84
N GLU A 54 18.28 13.19 -27.07
CA GLU A 54 17.67 14.19 -27.94
C GLU A 54 16.32 13.64 -28.47
N LYS A 55 16.25 12.32 -28.65
CA LYS A 55 15.02 11.74 -29.14
C LYS A 55 13.97 11.73 -28.03
N ALA A 56 14.40 11.54 -26.77
CA ALA A 56 13.50 11.63 -25.64
C ALA A 56 12.86 13.02 -25.61
N ILE A 57 13.73 14.03 -25.68
CA ILE A 57 13.40 15.45 -25.58
C ILE A 57 12.55 15.92 -26.75
N GLU A 58 12.66 15.27 -27.93
CA GLU A 58 11.90 15.68 -29.11
C GLU A 58 10.54 14.99 -29.10
N THR A 59 10.49 13.71 -28.75
CA THR A 59 9.24 13.02 -28.46
C THR A 59 8.43 13.81 -27.42
N ALA A 60 9.10 14.50 -26.48
CA ALA A 60 8.44 15.23 -25.42
C ALA A 60 7.93 16.60 -25.88
N ASN A 61 8.57 17.21 -26.90
CA ASN A 61 8.17 18.52 -27.45
C ASN A 61 8.36 19.58 -26.36
N VAL A 62 9.54 19.53 -25.73
CA VAL A 62 9.87 20.33 -24.58
C VAL A 62 10.00 21.72 -25.20
N ASN A 63 9.07 22.61 -24.84
CA ASN A 63 9.11 23.98 -25.28
C ASN A 63 9.46 24.81 -24.02
N GLU A 64 9.54 26.14 -24.21
CA GLU A 64 10.01 27.09 -23.21
C GLU A 64 8.91 27.42 -22.19
N ASN A 65 7.68 26.93 -22.42
CA ASN A 65 6.59 27.11 -21.46
C ASN A 65 6.54 25.97 -20.45
N ASP A 66 7.16 24.84 -20.77
CA ASP A 66 6.88 23.60 -20.07
C ASP A 66 7.52 23.64 -18.69
N VAL A 67 6.96 22.84 -17.77
CA VAL A 67 7.61 22.55 -16.51
C VAL A 67 7.80 21.03 -16.38
N ILE A 68 9.06 20.60 -16.41
CA ILE A 68 9.44 19.21 -16.57
C ILE A 68 9.82 18.55 -15.24
N LEU A 69 9.47 17.25 -15.11
CA LEU A 69 9.91 16.41 -14.00
C LEU A 69 10.82 15.32 -14.55
N GLU A 70 12.06 15.31 -14.02
CA GLU A 70 13.00 14.19 -14.17
C GLU A 70 13.29 13.49 -12.83
N VAL A 71 13.35 12.14 -12.93
CA VAL A 71 13.63 11.25 -11.81
C VAL A 71 15.02 10.65 -12.00
N GLY A 72 15.95 10.95 -11.08
CA GLY A 72 17.25 10.31 -11.14
C GLY A 72 18.16 10.90 -12.21
N PRO A 73 18.59 12.17 -12.05
CA PRO A 73 19.43 12.87 -13.03
C PRO A 73 20.89 12.45 -13.17
N GLY A 74 21.39 11.62 -12.24
CA GLY A 74 22.73 11.05 -12.39
C GLY A 74 23.76 12.18 -12.54
N LEU A 75 24.50 12.18 -13.64
CA LEU A 75 25.51 13.22 -13.90
C LEU A 75 24.93 14.31 -14.83
N GLY A 76 23.62 14.20 -15.12
CA GLY A 76 22.81 15.35 -15.51
C GLY A 76 22.84 15.59 -17.01
N PHE A 77 23.18 14.54 -17.76
CA PHE A 77 23.32 14.66 -19.20
C PHE A 77 21.97 15.08 -19.78
N LEU A 78 20.91 14.35 -19.41
CA LEU A 78 19.54 14.67 -19.80
C LEU A 78 19.09 15.97 -19.15
N THR A 79 19.46 16.19 -17.89
CA THR A 79 19.02 17.34 -17.10
C THR A 79 19.38 18.65 -17.81
N ASP A 80 20.61 18.73 -18.33
CA ASP A 80 21.16 19.97 -18.84
C ASP A 80 20.48 20.30 -20.17
N GLU A 81 20.17 19.25 -20.94
CA GLU A 81 19.44 19.34 -22.20
C GLU A 81 17.99 19.78 -21.98
N LEU A 82 17.37 19.31 -20.90
CA LEU A 82 16.04 19.76 -20.51
C LEU A 82 16.06 21.23 -20.05
N ALA A 83 17.14 21.60 -19.33
CA ALA A 83 17.24 22.89 -18.64
C ALA A 83 17.39 24.06 -19.62
N LYS A 84 17.87 23.79 -20.84
CA LYS A 84 18.10 24.88 -21.78
C LYS A 84 16.89 25.06 -22.71
N ARG A 85 15.84 24.25 -22.51
CA ARG A 85 14.68 24.26 -23.36
C ARG A 85 13.39 24.55 -22.59
N ALA A 86 13.34 24.29 -21.28
CA ALA A 86 12.08 24.40 -20.53
C ALA A 86 12.13 25.61 -19.61
N LYS A 87 10.95 26.07 -19.13
CA LYS A 87 10.89 27.18 -18.19
C LYS A 87 11.59 26.79 -16.89
N LYS A 88 11.22 25.60 -16.42
CA LYS A 88 11.66 25.08 -15.13
C LYS A 88 11.81 23.58 -15.27
N VAL A 89 12.73 23.00 -14.50
CA VAL A 89 12.80 21.56 -14.36
C VAL A 89 12.98 21.23 -12.88
N TYR A 90 12.15 20.32 -12.37
CA TYR A 90 12.34 19.73 -11.05
C TYR A 90 12.89 18.33 -11.28
N THR A 91 13.99 18.00 -10.60
CA THR A 91 14.70 16.74 -10.81
C THR A 91 14.92 16.10 -9.44
N ILE A 92 14.58 14.82 -9.29
CA ILE A 92 14.58 14.13 -7.99
C ILE A 92 15.72 13.10 -7.90
N GLU A 93 16.65 13.30 -6.96
CA GLU A 93 17.84 12.45 -6.82
C GLU A 93 17.98 11.92 -5.38
N ILE A 94 18.24 10.61 -5.24
CA ILE A 94 18.40 9.98 -3.93
C ILE A 94 19.81 10.19 -3.37
N ASP A 95 20.83 10.03 -4.23
CA ASP A 95 22.21 10.12 -3.79
C ASP A 95 22.55 11.60 -3.59
N GLN A 96 23.01 11.91 -2.37
CA GLN A 96 23.28 13.26 -1.93
C GLN A 96 24.56 13.79 -2.59
N LYS A 97 25.50 12.90 -2.96
CA LYS A 97 26.74 13.38 -3.54
C LYS A 97 26.64 13.45 -5.06
N ILE A 98 25.56 12.92 -5.65
CA ILE A 98 25.23 13.23 -7.03
C ILE A 98 24.75 14.68 -7.07
N ILE A 99 23.95 15.07 -6.08
CA ILE A 99 23.46 16.43 -6.02
C ILE A 99 24.63 17.38 -5.84
N GLU A 100 25.49 17.15 -4.84
CA GLU A 100 26.62 18.02 -4.56
C GLU A 100 27.46 18.26 -5.82
N ILE A 101 27.56 17.23 -6.68
CA ILE A 101 28.22 17.31 -7.98
C ILE A 101 27.41 18.15 -8.95
N LEU A 102 26.10 17.85 -9.05
CA LEU A 102 25.21 18.55 -9.95
C LEU A 102 25.33 20.05 -9.71
N LYS A 103 25.42 20.44 -8.44
CA LYS A 103 25.50 21.84 -8.05
C LYS A 103 26.78 22.47 -8.59
N LYS A 104 27.88 21.69 -8.63
CA LYS A 104 29.21 22.19 -8.93
C LYS A 104 29.47 22.16 -10.44
N GLU A 105 29.05 21.08 -11.12
CA GLU A 105 29.31 20.90 -12.54
C GLU A 105 28.40 21.78 -13.41
N TYR A 106 27.29 22.32 -12.86
CA TYR A 106 26.30 23.04 -13.64
C TYR A 106 25.91 24.34 -12.93
N SER A 107 25.29 25.28 -13.66
CA SER A 107 24.86 26.56 -13.09
C SER A 107 23.48 26.98 -13.61
N TRP A 108 22.51 26.07 -13.48
CA TRP A 108 21.15 26.28 -13.96
C TRP A 108 20.43 27.39 -13.18
N ASN A 109 19.77 28.29 -13.92
CA ASN A 109 18.88 29.25 -13.31
C ASN A 109 17.56 28.55 -12.99
N ASN A 110 17.21 27.56 -13.81
CA ASN A 110 15.84 27.13 -13.93
C ASN A 110 15.68 25.69 -13.47
N VAL A 111 16.50 25.23 -12.52
CA VAL A 111 16.38 23.86 -12.06
C VAL A 111 16.27 23.84 -10.55
N LYS A 112 15.26 23.09 -10.06
CA LYS A 112 15.15 22.73 -8.66
C LYS A 112 15.52 21.27 -8.51
N ILE A 113 16.63 21.01 -7.78
CA ILE A 113 17.06 19.66 -7.45
C ILE A 113 16.37 19.29 -6.15
N ILE A 114 15.75 18.11 -6.10
CA ILE A 114 14.98 17.74 -4.92
C ILE A 114 15.58 16.45 -4.39
N GLN A 115 16.19 16.52 -3.20
CA GLN A 115 16.75 15.35 -2.56
C GLN A 115 15.59 14.48 -2.15
N GLY A 116 15.69 13.20 -2.50
CA GLY A 116 14.75 12.22 -2.01
C GLY A 116 14.66 11.02 -2.93
N ASP A 117 13.78 10.13 -2.51
CA ASP A 117 13.44 8.92 -3.22
C ASP A 117 12.16 9.25 -3.96
N ALA A 118 12.20 9.14 -5.30
CA ALA A 118 11.16 9.74 -6.13
C ALA A 118 9.77 9.17 -5.80
N VAL A 119 9.71 8.02 -5.10
CA VAL A 119 8.47 7.36 -4.74
C VAL A 119 7.79 8.07 -3.57
N ARG A 120 8.58 8.76 -2.73
CA ARG A 120 8.09 9.20 -1.41
C ARG A 120 7.95 10.72 -1.32
N VAL A 121 8.81 11.49 -2.01
CA VAL A 121 8.69 12.94 -1.99
C VAL A 121 7.43 13.43 -2.71
N GLU A 122 6.84 14.50 -2.16
CA GLU A 122 5.74 15.28 -2.74
C GLU A 122 6.19 15.76 -4.11
N TRP A 123 5.44 15.46 -5.18
CA TRP A 123 5.86 15.88 -6.50
C TRP A 123 5.47 17.32 -6.75
N PRO A 124 6.21 18.04 -7.64
CA PRO A 124 5.78 19.35 -8.14
C PRO A 124 4.51 19.24 -8.98
N LYS A 125 3.90 20.40 -9.23
CA LYS A 125 3.00 20.58 -10.37
C LYS A 125 3.89 20.62 -11.61
N PHE A 126 3.63 19.73 -12.57
CA PHE A 126 4.33 19.70 -13.84
C PHE A 126 3.34 19.30 -14.94
N ASN A 127 3.64 19.69 -16.18
CA ASN A 127 2.85 19.29 -17.33
C ASN A 127 3.58 18.21 -18.11
N LYS A 128 4.92 17.99 -17.87
CA LYS A 128 5.66 16.94 -18.57
C LYS A 128 6.64 16.17 -17.69
N VAL A 129 6.96 14.94 -18.10
CA VAL A 129 8.01 14.11 -17.49
C VAL A 129 8.91 13.62 -18.60
N VAL A 130 10.23 13.85 -18.48
CA VAL A 130 11.20 13.24 -19.39
C VAL A 130 12.31 12.70 -18.50
N SER A 131 12.48 11.37 -18.48
CA SER A 131 13.33 10.76 -17.47
C SER A 131 13.82 9.37 -17.90
N ASN A 132 15.04 9.05 -17.47
CA ASN A 132 15.58 7.70 -17.54
C ASN A 132 15.27 6.93 -16.25
N ILE A 133 14.15 6.18 -16.21
CA ILE A 133 13.59 5.76 -14.93
C ILE A 133 14.48 4.69 -14.30
N PRO A 134 14.88 4.89 -13.01
CA PRO A 134 15.45 3.86 -12.17
C PRO A 134 14.59 2.59 -12.15
N ALA A 135 15.23 1.44 -12.36
CA ALA A 135 14.48 0.23 -12.68
C ALA A 135 13.68 -0.21 -11.47
N LYS A 136 14.23 0.02 -10.25
CA LYS A 136 13.70 -0.65 -9.07
C LYS A 136 12.43 0.08 -8.61
N ILE A 137 12.22 1.30 -9.12
CA ILE A 137 11.03 2.09 -8.84
C ILE A 137 10.14 2.21 -10.07
N SER A 138 10.35 1.40 -11.13
CA SER A 138 9.61 1.55 -12.39
C SER A 138 8.10 1.40 -12.15
N SER A 139 7.73 0.46 -11.27
CA SER A 139 6.34 0.11 -11.02
C SER A 139 5.65 1.14 -10.08
N PRO A 140 6.24 1.46 -8.90
CA PRO A 140 5.69 2.54 -8.04
C PRO A 140 5.56 3.92 -8.69
N PHE A 141 6.61 4.32 -9.39
CA PHE A 141 6.62 5.54 -10.18
C PHE A 141 5.50 5.51 -11.23
N THR A 142 5.36 4.40 -11.95
CA THR A 142 4.34 4.35 -12.98
C THR A 142 2.97 4.59 -12.32
N PHE A 143 2.70 3.95 -11.18
CA PHE A 143 1.37 4.05 -10.57
C PHE A 143 1.13 5.46 -10.04
N LYS A 144 2.20 6.15 -9.61
CA LYS A 144 2.08 7.50 -9.06
C LYS A 144 1.79 8.52 -10.16
N LEU A 145 2.53 8.39 -11.27
CA LEU A 145 2.46 9.31 -12.40
C LEU A 145 1.08 9.16 -13.02
N LEU A 146 0.59 7.93 -13.04
CA LEU A 146 -0.69 7.68 -13.68
C LEU A 146 -1.84 8.41 -12.98
N LYS A 147 -1.64 8.81 -11.72
CA LYS A 147 -2.67 9.54 -11.00
C LYS A 147 -2.32 11.03 -10.90
N THR A 148 -1.62 11.56 -11.90
CA THR A 148 -1.14 12.94 -11.89
C THR A 148 -1.76 13.66 -13.10
N ASP A 149 -1.87 14.98 -13.03
CA ASP A 149 -2.38 15.77 -14.14
C ASP A 149 -1.18 16.24 -14.96
N PHE A 150 -0.76 15.38 -15.90
CA PHE A 150 0.33 15.66 -16.83
C PHE A 150 -0.19 15.58 -18.27
N GLU A 151 0.40 16.34 -19.20
CA GLU A 151 -0.04 16.20 -20.59
C GLU A 151 0.76 15.15 -21.35
N ARG A 152 2.05 14.99 -21.05
CA ARG A 152 2.87 14.07 -21.81
C ARG A 152 4.08 13.67 -21.00
N ALA A 153 4.29 12.34 -20.87
CA ALA A 153 5.47 11.78 -20.20
C ALA A 153 6.26 10.88 -21.16
N VAL A 154 7.58 11.02 -21.15
CA VAL A 154 8.47 10.24 -21.99
C VAL A 154 9.57 9.65 -21.12
N VAL A 155 9.49 8.34 -20.88
CA VAL A 155 10.22 7.71 -19.81
C VAL A 155 10.88 6.44 -20.35
N MET A 156 12.19 6.24 -20.09
CA MET A 156 12.83 5.02 -20.50
C MET A 156 12.71 3.98 -19.38
N TYR A 157 12.37 2.74 -19.75
CA TYR A 157 12.20 1.64 -18.81
C TYR A 157 12.97 0.46 -19.41
N GLN A 158 13.20 -0.60 -18.64
CA GLN A 158 13.52 -1.88 -19.22
C GLN A 158 12.36 -2.35 -20.12
N LEU A 159 12.74 -2.95 -21.27
CA LEU A 159 11.81 -3.35 -22.32
C LEU A 159 10.79 -4.37 -21.84
N GLU A 160 11.15 -5.23 -20.87
CA GLU A 160 10.20 -6.25 -20.40
C GLU A 160 9.06 -5.54 -19.70
N PHE A 161 9.40 -4.44 -19.01
CA PHE A 161 8.46 -3.66 -18.24
C PHE A 161 7.65 -2.77 -19.18
N ALA A 162 8.25 -2.31 -20.27
CA ALA A 162 7.56 -1.43 -21.18
C ALA A 162 6.54 -2.24 -21.97
N LEU A 163 6.83 -3.55 -22.20
CA LEU A 163 5.91 -4.48 -22.85
C LEU A 163 4.70 -4.78 -21.95
N ARG A 164 4.92 -4.85 -20.62
CA ARG A 164 3.84 -5.10 -19.66
C ARG A 164 2.91 -3.90 -19.59
N MET A 165 3.49 -2.71 -19.77
CA MET A 165 2.72 -1.48 -19.82
C MET A 165 1.81 -1.40 -21.04
N VAL A 166 2.12 -2.10 -22.15
CA VAL A 166 1.22 -2.05 -23.30
C VAL A 166 0.55 -3.40 -23.50
N ALA A 167 0.67 -4.35 -22.56
CA ALA A 167 0.00 -5.63 -22.76
C ALA A 167 -1.51 -5.43 -22.68
N LYS A 168 -2.23 -6.34 -23.35
CA LYS A 168 -3.67 -6.22 -23.53
C LYS A 168 -4.38 -7.30 -22.69
N PRO A 169 -5.63 -7.01 -22.20
CA PRO A 169 -6.44 -7.99 -21.50
C PRO A 169 -6.40 -9.40 -22.08
N GLY A 170 -6.24 -10.36 -21.18
CA GLY A 170 -6.20 -11.76 -21.54
C GLY A 170 -4.83 -12.19 -22.04
N SER A 171 -3.89 -11.25 -22.28
CA SER A 171 -2.51 -11.63 -22.59
C SER A 171 -1.80 -12.08 -21.31
N ARG A 172 -0.81 -12.98 -21.44
CA ARG A 172 -0.20 -13.64 -20.28
C ARG A 172 0.44 -12.63 -19.33
N ASN A 173 1.16 -11.63 -19.88
CA ASN A 173 1.88 -10.66 -19.08
C ASN A 173 1.00 -9.46 -18.70
N TYR A 174 -0.33 -9.57 -18.88
CA TYR A 174 -1.28 -8.54 -18.45
C TYR A 174 -1.45 -8.61 -16.94
N SER A 175 -1.28 -7.46 -16.27
CA SER A 175 -1.17 -7.33 -14.84
C SER A 175 -1.76 -6.00 -14.35
N ARG A 176 -1.69 -5.79 -13.03
CA ARG A 176 -2.15 -4.55 -12.39
C ARG A 176 -1.69 -3.33 -13.19
N LEU A 177 -0.42 -3.40 -13.59
CA LEU A 177 0.29 -2.31 -14.22
C LEU A 177 -0.30 -2.06 -15.60
N SER A 178 -0.51 -3.16 -16.34
CA SER A 178 -1.15 -3.10 -17.65
C SER A 178 -2.54 -2.46 -17.51
N LEU A 179 -3.30 -2.92 -16.51
CA LEU A 179 -4.72 -2.53 -16.42
C LEU A 179 -4.81 -1.04 -16.16
N MET A 180 -3.90 -0.59 -15.31
CA MET A 180 -3.92 0.78 -14.82
C MET A 180 -3.39 1.70 -15.90
N ALA A 181 -2.47 1.23 -16.76
CA ALA A 181 -2.03 1.99 -17.93
C ALA A 181 -3.19 2.17 -18.91
N GLN A 182 -3.91 1.09 -19.17
CA GLN A 182 -5.03 1.13 -20.11
C GLN A 182 -6.22 1.93 -19.56
N ALA A 183 -6.48 1.81 -18.24
CA ALA A 183 -7.53 2.54 -17.55
C ALA A 183 -7.26 4.03 -17.62
N LEU A 184 -5.99 4.45 -17.56
CA LEU A 184 -5.73 5.86 -17.27
C LEU A 184 -4.89 6.55 -18.35
N GLY A 185 -4.08 5.82 -19.13
CA GLY A 185 -3.14 6.46 -20.06
C GLY A 185 -3.33 6.00 -21.51
N ASN A 186 -2.80 6.79 -22.47
CA ASN A 186 -2.47 6.26 -23.79
C ASN A 186 -0.97 5.93 -23.80
N VAL A 187 -0.59 4.64 -23.94
CA VAL A 187 0.80 4.23 -23.78
C VAL A 187 1.36 3.69 -25.10
N GLU A 188 2.51 4.27 -25.54
CA GLU A 188 3.20 3.94 -26.78
C GLU A 188 4.64 3.58 -26.40
N ILE A 189 5.15 2.43 -26.84
CA ILE A 189 6.59 2.23 -26.93
C ILE A 189 7.11 2.87 -28.23
N VAL A 190 7.88 3.96 -28.11
CA VAL A 190 8.40 4.66 -29.29
C VAL A 190 9.36 3.74 -30.05
N MET A 191 10.34 3.15 -29.35
CA MET A 191 11.45 2.46 -29.99
C MET A 191 12.32 1.84 -28.90
N LYS A 192 12.86 0.64 -29.19
CA LYS A 192 13.85 0.04 -28.32
C LYS A 192 15.07 0.96 -28.20
N ILE A 193 15.70 0.94 -27.01
CA ILE A 193 16.99 1.55 -26.72
C ILE A 193 17.95 0.45 -26.31
N GLY A 194 18.98 0.24 -27.13
CA GLY A 194 19.92 -0.85 -26.90
C GLY A 194 20.69 -0.61 -25.61
N LYS A 195 21.08 -1.71 -24.97
CA LYS A 195 21.93 -1.67 -23.79
C LYS A 195 23.22 -0.86 -24.03
N GLY A 196 23.72 -0.87 -25.28
CA GLY A 196 24.90 -0.08 -25.65
C GLY A 196 24.87 1.35 -25.12
N ALA A 197 23.65 1.86 -24.93
CA ALA A 197 23.37 3.28 -24.77
C ALA A 197 23.58 3.76 -23.33
N PHE A 198 23.77 2.82 -22.38
CA PHE A 198 24.01 3.18 -20.98
C PHE A 198 25.36 2.61 -20.54
N TYR A 199 26.03 3.31 -19.61
CA TYR A 199 27.16 2.75 -18.85
C TYR A 199 26.78 2.58 -17.38
N PRO A 200 26.91 1.36 -16.78
CA PRO A 200 27.39 0.16 -17.47
C PRO A 200 26.31 -0.53 -18.30
N ARG A 201 26.73 -1.32 -19.27
CA ARG A 201 25.79 -1.98 -20.16
C ARG A 201 24.81 -2.76 -19.30
N PRO A 202 23.50 -2.48 -19.35
CA PRO A 202 22.56 -3.35 -18.68
C PRO A 202 22.70 -4.75 -19.29
N LYS A 203 22.05 -5.74 -18.66
CA LYS A 203 22.02 -7.06 -19.26
C LYS A 203 20.78 -7.21 -20.13
N VAL A 204 19.94 -6.16 -20.24
CA VAL A 204 18.74 -6.18 -21.09
C VAL A 204 18.41 -4.79 -21.65
N ASP A 205 17.68 -4.78 -22.77
CA ASP A 205 17.45 -3.54 -23.53
C ASP A 205 16.35 -2.72 -22.86
N SER A 206 16.25 -1.47 -23.28
CA SER A 206 15.25 -0.56 -22.75
C SER A 206 14.28 -0.12 -23.85
N ALA A 207 13.30 0.73 -23.49
CA ALA A 207 12.34 1.27 -24.45
C ALA A 207 12.02 2.72 -24.12
N LEU A 208 11.92 3.56 -25.15
CA LEU A 208 11.45 4.93 -24.96
C LEU A 208 9.92 4.91 -24.97
N VAL A 209 9.28 5.11 -23.81
CA VAL A 209 7.85 4.90 -23.67
C VAL A 209 7.18 6.24 -23.54
N LEU A 210 6.04 6.37 -24.22
CA LEU A 210 5.26 7.61 -24.21
C LEU A 210 3.90 7.35 -23.58
N ILE A 211 3.57 8.22 -22.64
CA ILE A 211 2.34 8.15 -21.89
C ILE A 211 1.68 9.53 -22.04
N GLU A 212 0.42 9.52 -22.48
CA GLU A 212 -0.47 10.68 -22.39
C GLU A 212 -1.70 10.26 -21.58
N PRO A 213 -2.34 11.16 -20.82
CA PRO A 213 -3.57 10.79 -20.11
C PRO A 213 -4.72 10.49 -21.06
N ARG A 214 -5.43 9.39 -20.78
CA ARG A 214 -6.63 9.01 -21.52
C ARG A 214 -7.65 10.11 -21.30
N LYS A 215 -8.24 10.63 -22.40
CA LYS A 215 -9.19 11.73 -22.30
C LYS A 215 -10.41 11.33 -21.44
N ASP A 216 -10.76 10.05 -21.42
CA ASP A 216 -11.89 9.51 -20.67
C ASP A 216 -11.39 8.41 -19.71
N LYS A 217 -10.84 8.83 -18.55
CA LYS A 217 -10.27 7.92 -17.57
C LYS A 217 -11.38 7.10 -16.89
N ILE A 218 -11.09 5.80 -16.72
CA ILE A 218 -11.84 4.88 -15.90
C ILE A 218 -11.18 4.80 -14.52
N VAL A 219 -11.70 5.57 -13.56
CA VAL A 219 -11.13 5.64 -12.21
C VAL A 219 -11.60 4.42 -11.42
N LEU A 220 -10.63 3.57 -11.09
CA LEU A 220 -10.83 2.33 -10.33
C LEU A 220 -10.33 2.49 -8.90
N ASN A 221 -10.86 1.67 -8.00
CA ASN A 221 -10.44 1.67 -6.60
C ASN A 221 -9.10 0.91 -6.49
N GLU A 222 -8.06 1.57 -5.94
CA GLU A 222 -6.69 1.04 -5.80
C GLU A 222 -6.70 -0.33 -5.10
N ASN A 223 -7.33 -0.34 -3.92
CA ASN A 223 -7.42 -1.49 -3.03
C ASN A 223 -8.15 -2.67 -3.66
N LEU A 224 -9.18 -2.42 -4.49
CA LEU A 224 -9.93 -3.48 -5.19
C LEU A 224 -9.11 -4.12 -6.31
N VAL A 225 -8.49 -3.26 -7.14
CA VAL A 225 -7.56 -3.72 -8.17
C VAL A 225 -6.41 -4.50 -7.52
N LYS A 226 -5.89 -4.02 -6.37
CA LYS A 226 -4.81 -4.72 -5.64
C LYS A 226 -5.29 -6.09 -5.19
N ALA A 227 -6.50 -6.12 -4.59
CA ALA A 227 -7.13 -7.35 -4.16
C ALA A 227 -7.20 -8.34 -5.31
N LEU A 228 -7.92 -7.94 -6.39
CA LEU A 228 -8.11 -8.76 -7.58
C LEU A 228 -6.78 -9.34 -8.07
N PHE A 229 -5.75 -8.48 -8.21
CA PHE A 229 -4.50 -8.84 -8.88
C PHE A 229 -3.41 -9.36 -7.93
N GLN A 230 -3.74 -9.85 -6.72
CA GLN A 230 -2.78 -10.65 -5.95
C GLN A 230 -2.53 -11.97 -6.68
N HIS A 231 -3.61 -12.64 -7.10
CA HIS A 231 -3.54 -13.83 -7.94
C HIS A 231 -4.44 -13.57 -9.13
N ARG A 232 -3.81 -13.26 -10.25
CA ARG A 232 -4.54 -12.85 -11.43
C ARG A 232 -4.96 -14.06 -12.26
N ARG A 233 -4.39 -15.24 -11.98
CA ARG A 233 -4.75 -16.43 -12.72
C ARG A 233 -6.05 -16.98 -12.12
N LYS A 234 -6.47 -16.45 -10.96
CA LYS A 234 -7.73 -16.82 -10.32
C LYS A 234 -8.94 -16.22 -11.05
N THR A 235 -10.10 -16.91 -10.94
CA THR A 235 -11.41 -16.36 -11.31
C THR A 235 -11.72 -15.22 -10.34
N VAL A 236 -12.64 -14.31 -10.75
CA VAL A 236 -12.89 -13.09 -10.00
C VAL A 236 -13.76 -13.36 -8.77
N PRO A 237 -14.72 -14.31 -8.76
CA PRO A 237 -15.34 -14.76 -7.51
C PRO A 237 -14.33 -15.25 -6.47
N ARG A 238 -13.39 -16.11 -6.91
CA ARG A 238 -12.32 -16.60 -6.05
C ARG A 238 -11.46 -15.42 -5.56
N ALA A 239 -11.00 -14.59 -6.49
CA ALA A 239 -10.16 -13.45 -6.15
C ALA A 239 -10.80 -12.67 -5.01
N LEU A 240 -12.10 -12.33 -5.18
CA LEU A 240 -12.76 -11.39 -4.27
C LEU A 240 -12.94 -12.02 -2.90
N LYS A 241 -13.32 -13.31 -2.88
CA LYS A 241 -13.63 -14.00 -1.63
C LYS A 241 -12.40 -14.05 -0.73
N ASP A 242 -11.25 -14.39 -1.35
CA ASP A 242 -9.97 -14.55 -0.67
C ASP A 242 -9.53 -13.22 -0.04
N SER A 243 -9.62 -12.13 -0.82
CA SER A 243 -9.08 -10.82 -0.46
C SER A 243 -9.80 -10.18 0.72
N ILE A 244 -11.11 -10.43 0.82
CA ILE A 244 -12.02 -9.83 1.79
C ILE A 244 -12.06 -10.67 3.07
N HIS A 245 -12.11 -12.00 2.90
CA HIS A 245 -11.85 -12.94 3.99
C HIS A 245 -10.54 -12.55 4.70
N MET A 246 -9.47 -12.26 3.95
CA MET A 246 -8.16 -11.95 4.53
C MET A 246 -8.23 -10.65 5.35
N LEU A 247 -9.14 -9.74 4.99
CA LEU A 247 -9.40 -8.50 5.73
C LEU A 247 -9.97 -8.74 7.15
N GLY A 248 -10.58 -9.90 7.39
CA GLY A 248 -11.18 -10.19 8.68
C GLY A 248 -12.65 -10.59 8.59
N VAL A 249 -13.27 -10.46 7.39
CA VAL A 249 -14.72 -10.60 7.19
C VAL A 249 -15.11 -12.08 7.26
N SER A 250 -16.34 -12.32 7.69
CA SER A 250 -16.91 -13.66 7.70
C SER A 250 -17.04 -14.12 6.25
N LYS A 251 -16.61 -15.37 5.97
CA LYS A 251 -16.60 -15.95 4.64
C LYS A 251 -18.00 -16.43 4.28
N ASP A 252 -18.77 -16.76 5.33
CA ASP A 252 -20.20 -16.96 5.26
C ASP A 252 -20.88 -15.70 4.75
N GLU A 253 -20.55 -14.52 5.32
CA GLU A 253 -21.35 -13.31 5.17
C GLU A 253 -21.14 -12.68 3.78
N ILE A 254 -20.36 -13.34 2.91
CA ILE A 254 -19.76 -12.65 1.78
C ILE A 254 -19.93 -13.42 0.47
N ARG A 255 -20.21 -14.72 0.55
CA ARG A 255 -20.18 -15.63 -0.59
C ARG A 255 -21.30 -15.30 -1.56
N GLY A 256 -22.56 -15.25 -1.08
CA GLY A 256 -23.73 -15.02 -1.93
C GLY A 256 -23.55 -13.84 -2.89
N ILE A 257 -23.34 -12.64 -2.31
CA ILE A 257 -23.03 -11.41 -3.04
C ILE A 257 -21.95 -11.66 -4.10
N ILE A 258 -20.80 -12.20 -3.68
CA ILE A 258 -19.60 -12.24 -4.51
C ILE A 258 -19.77 -13.26 -5.63
N ASN A 259 -20.57 -14.31 -5.35
CA ASN A 259 -20.92 -15.28 -6.37
C ASN A 259 -21.58 -14.57 -7.53
N ASN A 260 -22.47 -13.59 -7.25
CA ASN A 260 -23.28 -12.96 -8.30
C ASN A 260 -22.60 -11.74 -8.94
N VAL A 261 -21.33 -11.48 -8.58
CA VAL A 261 -20.53 -10.37 -9.13
C VAL A 261 -20.59 -10.39 -10.67
N PRO A 262 -20.64 -9.21 -11.33
CA PRO A 262 -20.42 -9.10 -12.78
C PRO A 262 -19.06 -9.61 -13.26
N HIS A 263 -19.08 -10.21 -14.47
CA HIS A 263 -17.91 -10.74 -15.14
C HIS A 263 -17.30 -11.84 -14.30
N SER A 264 -18.16 -12.60 -13.60
CA SER A 264 -17.68 -13.71 -12.77
C SER A 264 -17.02 -14.79 -13.61
N ASN A 265 -17.34 -14.86 -14.90
CA ASN A 265 -16.83 -15.93 -15.75
C ASN A 265 -15.46 -15.63 -16.34
N LYS A 266 -14.84 -14.50 -15.96
CA LYS A 266 -13.46 -14.20 -16.31
C LYS A 266 -12.49 -14.50 -15.16
N ARG A 267 -11.22 -14.74 -15.55
CA ARG A 267 -10.08 -14.66 -14.66
C ARG A 267 -9.60 -13.21 -14.61
N VAL A 268 -8.90 -12.87 -13.53
CA VAL A 268 -8.59 -11.48 -13.26
C VAL A 268 -7.71 -10.90 -14.36
N PHE A 269 -6.92 -11.72 -15.06
CA PHE A 269 -5.98 -11.17 -16.03
C PHE A 269 -6.71 -10.91 -17.35
N GLN A 270 -8.01 -11.19 -17.39
CA GLN A 270 -8.78 -11.01 -18.62
C GLN A 270 -9.58 -9.70 -18.57
N LEU A 271 -9.62 -9.05 -17.40
CA LEU A 271 -10.52 -7.95 -17.16
C LEU A 271 -10.04 -6.71 -17.92
N TYR A 272 -10.95 -6.11 -18.72
CA TYR A 272 -10.80 -4.73 -19.15
C TYR A 272 -11.14 -3.83 -17.97
N PRO A 273 -10.51 -2.63 -17.87
CA PRO A 273 -10.90 -1.63 -16.85
C PRO A 273 -12.38 -1.40 -16.62
N GLU A 274 -13.17 -1.52 -17.69
CA GLU A 274 -14.61 -1.26 -17.69
C GLU A 274 -15.31 -2.37 -16.90
N GLU A 275 -14.78 -3.58 -17.01
CA GLU A 275 -15.28 -4.76 -16.31
C GLU A 275 -14.90 -4.71 -14.83
N VAL A 276 -13.77 -4.08 -14.52
CA VAL A 276 -13.38 -3.81 -13.14
C VAL A 276 -14.27 -2.74 -12.51
N LYS A 277 -14.72 -1.79 -13.35
CA LYS A 277 -15.58 -0.69 -12.90
C LYS A 277 -16.96 -1.20 -12.49
N ASP A 278 -17.53 -2.15 -13.27
CA ASP A 278 -18.83 -2.74 -13.01
C ASP A 278 -18.76 -3.51 -11.69
N ILE A 279 -17.63 -4.17 -11.46
CA ILE A 279 -17.38 -4.98 -10.27
C ILE A 279 -17.30 -4.06 -9.04
N GLU A 280 -16.59 -2.93 -9.18
CA GLU A 280 -16.52 -1.94 -8.13
C GLU A 280 -17.94 -1.48 -7.84
N GLU A 281 -18.68 -1.10 -8.88
CA GLU A 281 -20.01 -0.50 -8.70
C GLU A 281 -20.98 -1.48 -8.01
N TYR A 282 -20.82 -2.78 -8.29
CA TYR A 282 -21.60 -3.86 -7.70
C TYR A 282 -21.29 -4.05 -6.21
N LEU A 283 -19.99 -4.08 -5.88
CA LEU A 283 -19.49 -4.16 -4.51
C LEU A 283 -19.87 -2.89 -3.76
N LYS A 284 -19.78 -1.73 -4.42
CA LYS A 284 -20.23 -0.48 -3.80
C LYS A 284 -21.71 -0.61 -3.43
N LYS A 285 -22.51 -1.23 -4.31
CA LYS A 285 -23.94 -1.31 -4.11
C LYS A 285 -24.27 -2.28 -2.97
N HIS A 286 -23.48 -3.34 -2.85
CA HIS A 286 -23.74 -4.39 -1.88
C HIS A 286 -22.94 -4.10 -0.60
N GLY A 287 -22.42 -2.87 -0.47
CA GLY A 287 -21.85 -2.33 0.76
C GLY A 287 -20.40 -2.76 1.06
N ILE A 288 -19.75 -3.44 0.12
CA ILE A 288 -18.58 -4.24 0.42
C ILE A 288 -17.31 -3.39 0.40
N ILE A 289 -17.24 -2.29 -0.35
CA ILE A 289 -16.01 -1.51 -0.31
C ILE A 289 -16.23 -0.14 0.37
N SER A 290 -17.47 0.40 0.28
CA SER A 290 -17.84 1.69 0.83
C SER A 290 -16.67 2.69 0.74
N SER B 21 -32.89 -8.32 26.05
CA SER B 21 -33.65 -7.11 25.64
C SER B 21 -33.37 -5.93 26.59
N LYS B 22 -32.43 -6.06 27.54
CA LYS B 22 -32.05 -4.87 28.29
C LYS B 22 -31.35 -3.93 27.31
N MET B 23 -30.27 -4.41 26.70
CA MET B 23 -29.52 -3.60 25.76
C MET B 23 -30.05 -3.78 24.32
N ARG B 24 -30.75 -4.90 24.08
CA ARG B 24 -31.18 -5.25 22.73
C ARG B 24 -32.48 -4.50 22.40
N ASP B 25 -33.43 -4.35 23.34
CA ASP B 25 -34.64 -3.55 23.09
C ASP B 25 -34.24 -2.08 23.28
N ARG B 26 -33.05 -1.82 23.85
CA ARG B 26 -32.56 -0.45 23.84
C ARG B 26 -32.06 -0.09 22.44
N LEU B 27 -31.44 -1.08 21.79
CA LEU B 27 -30.93 -0.97 20.43
C LEU B 27 -32.09 -0.75 19.45
N PHE B 28 -33.00 -1.73 19.44
CA PHE B 28 -34.26 -1.68 18.71
C PHE B 28 -34.96 -0.35 18.92
N PHE B 29 -34.99 0.16 20.14
CA PHE B 29 -35.68 1.43 20.34
C PHE B 29 -34.98 2.56 19.61
N LEU B 30 -33.66 2.62 19.73
CA LEU B 30 -32.85 3.63 19.05
C LEU B 30 -32.90 3.48 17.52
N LEU B 31 -32.81 2.24 17.02
CA LEU B 31 -32.77 1.98 15.58
C LEU B 31 -34.03 2.55 14.94
N SER B 32 -35.18 2.35 15.62
CA SER B 32 -36.50 2.67 15.10
C SER B 32 -36.78 4.14 15.29
N LYS B 33 -36.37 4.68 16.44
CA LYS B 33 -36.59 6.08 16.76
C LYS B 33 -36.05 6.98 15.65
N TYR B 34 -34.94 6.57 15.00
CA TYR B 34 -34.27 7.40 14.01
C TYR B 34 -34.45 6.82 12.59
N GLY B 35 -34.79 5.52 12.47
CA GLY B 35 -34.94 4.85 11.18
C GLY B 35 -33.62 4.35 10.58
N ILE B 36 -32.82 3.57 11.33
CA ILE B 36 -31.52 3.12 10.86
C ILE B 36 -31.62 1.64 10.49
N ARG B 37 -30.87 1.29 9.43
CA ARG B 37 -31.04 0.06 8.64
C ARG B 37 -30.75 -1.17 9.50
N PRO B 38 -31.58 -2.26 9.41
CA PRO B 38 -31.31 -3.51 10.12
C PRO B 38 -29.88 -4.09 10.13
N ARG B 39 -29.24 -4.17 8.93
CA ARG B 39 -27.79 -4.41 8.84
C ARG B 39 -27.38 -3.43 7.73
N ASP B 40 -26.50 -2.50 8.13
CA ASP B 40 -26.31 -1.22 7.47
C ASP B 40 -25.65 -1.60 6.14
N SER B 41 -24.55 -2.37 6.22
CA SER B 41 -23.80 -2.77 5.04
C SER B 41 -23.45 -4.11 4.42
N ILE B 42 -22.48 -4.82 5.04
CA ILE B 42 -22.21 -6.22 4.75
C ILE B 42 -22.97 -6.77 5.94
N GLY B 43 -22.70 -6.20 7.12
CA GLY B 43 -23.24 -6.72 8.36
C GLY B 43 -22.73 -5.50 9.11
N GLN B 44 -23.33 -5.21 10.26
CA GLN B 44 -22.87 -4.14 11.14
C GLN B 44 -23.40 -4.90 12.36
N HIS B 45 -22.47 -5.38 13.19
CA HIS B 45 -22.77 -6.29 14.29
C HIS B 45 -22.54 -5.57 15.61
N PHE B 46 -23.60 -4.97 16.19
CA PHE B 46 -23.48 -4.08 17.34
C PHE B 46 -23.42 -4.92 18.61
N LEU B 47 -22.65 -4.45 19.60
CA LEU B 47 -22.41 -5.19 20.83
C LEU B 47 -23.48 -4.86 21.88
N ILE B 48 -24.09 -5.90 22.48
CA ILE B 48 -25.36 -5.77 23.22
C ILE B 48 -25.40 -6.68 24.46
N ILE B 49 -24.25 -6.90 25.13
CA ILE B 49 -24.22 -7.50 26.46
C ILE B 49 -23.45 -6.54 27.37
N GLU B 50 -23.98 -6.39 28.58
CA GLU B 50 -23.36 -5.55 29.60
C GLU B 50 -22.09 -6.27 30.10
N ASP B 51 -22.17 -7.57 30.37
CA ASP B 51 -21.03 -8.41 30.75
C ASP B 51 -19.82 -8.07 29.88
N VAL B 52 -19.97 -8.21 28.55
CA VAL B 52 -18.84 -8.21 27.63
C VAL B 52 -18.18 -6.82 27.60
N ILE B 53 -18.99 -5.77 27.58
CA ILE B 53 -18.49 -4.40 27.50
C ILE B 53 -17.69 -4.06 28.75
N GLU B 54 -18.12 -4.60 29.90
CA GLU B 54 -17.47 -4.33 31.17
C GLU B 54 -16.15 -5.12 31.22
N LYS B 55 -16.13 -6.30 30.59
CA LYS B 55 -14.93 -7.11 30.63
C LYS B 55 -13.87 -6.51 29.71
N ALA B 56 -14.29 -5.89 28.61
CA ALA B 56 -13.37 -5.21 27.72
C ALA B 56 -12.68 -4.10 28.50
N ILE B 57 -13.50 -3.29 29.17
CA ILE B 57 -13.10 -2.11 29.92
C ILE B 57 -12.26 -2.46 31.15
N GLU B 58 -12.41 -3.66 31.72
CA GLU B 58 -11.65 -4.09 32.89
C GLU B 58 -10.31 -4.68 32.47
N THR B 59 -10.31 -5.50 31.42
CA THR B 59 -9.08 -5.94 30.79
C THR B 59 -8.22 -4.73 30.39
N ALA B 60 -8.86 -3.60 30.01
CA ALA B 60 -8.15 -2.41 29.58
C ALA B 60 -7.61 -1.60 30.74
N ASN B 61 -8.23 -1.68 31.94
CA ASN B 61 -7.82 -0.95 33.13
C ASN B 61 -7.96 0.53 32.78
N VAL B 62 -9.17 0.92 32.39
CA VAL B 62 -9.46 2.26 31.90
C VAL B 62 -9.61 3.05 33.19
N ASN B 63 -8.59 3.83 33.51
CA ASN B 63 -8.60 4.71 34.67
C ASN B 63 -8.91 6.12 34.16
N GLU B 64 -8.96 7.07 35.11
CA GLU B 64 -9.41 8.44 34.90
C GLU B 64 -8.30 9.28 34.26
N ASN B 65 -7.09 8.72 34.11
CA ASN B 65 -6.00 9.43 33.44
C ASN B 65 -5.96 9.12 31.96
N ASP B 66 -6.59 8.01 31.56
CA ASP B 66 -6.37 7.45 30.24
C ASP B 66 -7.04 8.31 29.18
N VAL B 67 -6.49 8.25 27.96
CA VAL B 67 -7.14 8.83 26.80
C VAL B 67 -7.37 7.72 25.79
N ILE B 68 -8.64 7.38 25.57
CA ILE B 68 -9.04 6.16 24.88
C ILE B 68 -9.42 6.45 23.42
N LEU B 69 -9.11 5.48 22.55
CA LEU B 69 -9.56 5.47 21.16
C LEU B 69 -10.49 4.29 20.95
N GLU B 70 -11.72 4.63 20.50
CA GLU B 70 -12.69 3.68 19.97
C GLU B 70 -12.97 3.91 18.47
N VAL B 71 -13.08 2.78 17.75
CA VAL B 71 -13.36 2.73 16.32
C VAL B 71 -14.77 2.17 16.15
N GLY B 72 -15.68 2.98 15.62
CA GLY B 72 -17.00 2.46 15.28
C GLY B 72 -17.89 2.30 16.51
N PRO B 73 -18.31 3.44 17.12
CA PRO B 73 -19.11 3.44 18.34
C PRO B 73 -20.58 3.01 18.22
N GLY B 74 -21.08 2.90 16.98
CA GLY B 74 -22.44 2.42 16.75
C GLY B 74 -23.45 3.25 17.54
N LEU B 75 -24.20 2.59 18.44
CA LEU B 75 -25.18 3.26 19.27
C LEU B 75 -24.62 3.59 20.65
N GLY B 76 -23.30 3.32 20.84
CA GLY B 76 -22.51 4.01 21.84
C GLY B 76 -22.57 3.31 23.21
N PHE B 77 -22.96 2.04 23.21
CA PHE B 77 -23.09 1.29 24.44
C PHE B 77 -21.72 1.20 25.10
N LEU B 78 -20.68 0.83 24.32
CA LEU B 78 -19.31 0.82 24.81
C LEU B 78 -18.81 2.23 25.08
N THR B 79 -19.20 3.18 24.22
CA THR B 79 -18.72 4.55 24.29
C THR B 79 -19.04 5.18 25.65
N ASP B 80 -20.27 4.95 26.13
CA ASP B 80 -20.79 5.63 27.30
C ASP B 80 -20.10 5.08 28.55
N GLU B 81 -19.79 3.78 28.52
CA GLU B 81 -19.09 3.11 29.59
C GLU B 81 -17.63 3.53 29.67
N LEU B 82 -17.00 3.79 28.51
CA LEU B 82 -15.66 4.34 28.46
C LEU B 82 -15.65 5.80 28.93
N ALA B 83 -16.71 6.56 28.59
CA ALA B 83 -16.79 8.00 28.81
C ALA B 83 -16.91 8.33 30.30
N LYS B 84 -17.40 7.40 31.13
CA LYS B 84 -17.55 7.71 32.54
C LYS B 84 -16.30 7.32 33.34
N ARG B 85 -15.29 6.75 32.68
CA ARG B 85 -14.15 6.19 33.37
C ARG B 85 -12.83 6.80 32.89
N ALA B 86 -12.79 7.37 31.68
CA ALA B 86 -11.55 7.91 31.13
C ALA B 86 -11.58 9.45 31.15
N LYS B 87 -10.39 10.06 31.06
CA LYS B 87 -10.28 11.51 30.99
C LYS B 87 -11.01 12.02 29.74
N LYS B 88 -10.69 11.36 28.62
CA LYS B 88 -11.10 11.77 27.30
C LYS B 88 -11.29 10.51 26.48
N VAL B 89 -12.20 10.55 25.51
CA VAL B 89 -12.33 9.48 24.54
C VAL B 89 -12.49 10.11 23.16
N TYR B 90 -11.65 9.64 22.21
CA TYR B 90 -11.87 9.95 20.80
C TYR B 90 -12.47 8.72 20.13
N THR B 91 -13.54 8.90 19.38
CA THR B 91 -14.26 7.78 18.80
C THR B 91 -14.45 8.08 17.30
N ILE B 92 -14.13 7.11 16.42
CA ILE B 92 -14.17 7.32 14.97
C ILE B 92 -15.34 6.57 14.32
N GLU B 93 -16.26 7.30 13.67
CA GLU B 93 -17.46 6.72 13.06
C GLU B 93 -17.61 7.16 11.59
N ILE B 94 -17.92 6.20 10.70
CA ILE B 94 -18.07 6.48 9.28
C ILE B 94 -19.47 7.03 8.95
N ASP B 95 -20.52 6.42 9.54
CA ASP B 95 -21.89 6.79 9.25
C ASP B 95 -22.18 8.11 9.96
N GLN B 96 -22.62 9.09 9.17
CA GLN B 96 -22.86 10.45 9.63
C GLN B 96 -24.12 10.52 10.51
N LYS B 97 -25.07 9.60 10.28
CA LYS B 97 -26.34 9.57 10.98
C LYS B 97 -26.22 8.82 12.30
N ILE B 98 -25.15 8.03 12.45
CA ILE B 98 -24.84 7.45 13.74
C ILE B 98 -24.33 8.57 14.65
N ILE B 99 -23.50 9.45 14.08
CA ILE B 99 -22.96 10.56 14.82
C ILE B 99 -24.10 11.46 15.29
N GLU B 100 -24.96 11.89 14.36
CA GLU B 100 -26.03 12.84 14.68
C GLU B 100 -26.90 12.30 15.82
N ILE B 101 -27.09 10.97 15.86
CA ILE B 101 -27.76 10.29 16.97
C ILE B 101 -26.93 10.33 18.26
N LEU B 102 -25.64 9.97 18.15
CA LEU B 102 -24.76 9.93 19.29
C LEU B 102 -24.81 11.27 20.04
N LYS B 103 -24.84 12.37 19.26
CA LYS B 103 -24.85 13.71 19.81
C LYS B 103 -26.11 13.94 20.64
N LYS B 104 -27.23 13.37 20.18
CA LYS B 104 -28.55 13.65 20.75
C LYS B 104 -28.86 12.72 21.93
N GLU B 105 -28.51 11.44 21.79
CA GLU B 105 -28.79 10.42 22.80
C GLU B 105 -27.88 10.54 24.02
N TYR B 106 -26.76 11.27 23.92
CA TYR B 106 -25.77 11.32 25.00
C TYR B 106 -25.33 12.75 25.27
N SER B 107 -24.68 12.95 26.43
CA SER B 107 -24.34 14.27 26.91
C SER B 107 -22.91 14.36 27.44
N TRP B 108 -21.95 13.74 26.74
CA TRP B 108 -20.58 13.57 27.22
C TRP B 108 -19.84 14.91 27.31
N ASN B 109 -19.15 15.10 28.43
CA ASN B 109 -18.24 16.22 28.57
C ASN B 109 -16.95 15.88 27.85
N ASN B 110 -16.60 14.60 27.84
CA ASN B 110 -15.23 14.20 27.61
C ASN B 110 -15.11 13.35 26.35
N VAL B 111 -15.95 13.56 25.32
CA VAL B 111 -15.86 12.74 24.13
C VAL B 111 -15.78 13.62 22.88
N LYS B 112 -14.81 13.32 22.01
CA LYS B 112 -14.71 13.91 20.68
C LYS B 112 -15.06 12.80 19.70
N ILE B 113 -16.16 13.00 18.95
CA ILE B 113 -16.54 12.11 17.87
C ILE B 113 -15.85 12.59 16.59
N ILE B 114 -15.22 11.67 15.86
CA ILE B 114 -14.47 12.06 14.68
C ILE B 114 -15.10 11.34 13.49
N GLN B 115 -15.68 12.13 12.56
CA GLN B 115 -16.25 11.59 11.36
C GLN B 115 -15.11 11.07 10.52
N GLY B 116 -15.27 9.84 10.03
CA GLY B 116 -14.33 9.31 9.07
C GLY B 116 -14.30 7.80 9.05
N ASP B 117 -13.46 7.32 8.14
CA ASP B 117 -13.12 5.93 8.01
C ASP B 117 -11.85 5.71 8.81
N ALA B 118 -11.93 4.84 9.82
CA ALA B 118 -10.90 4.77 10.85
C ALA B 118 -9.52 4.49 10.25
N VAL B 119 -9.48 3.93 9.02
CA VAL B 119 -8.23 3.53 8.38
C VAL B 119 -7.50 4.76 7.83
N ARG B 120 -8.24 5.82 7.50
CA ARG B 120 -7.68 6.91 6.70
C ARG B 120 -7.60 8.23 7.49
N VAL B 121 -8.44 8.46 8.51
CA VAL B 121 -8.31 9.67 9.31
C VAL B 121 -7.03 9.61 10.18
N GLU B 122 -6.42 10.80 10.35
CA GLU B 122 -5.33 11.08 11.29
C GLU B 122 -5.81 10.68 12.68
N TRP B 123 -5.07 9.81 13.38
CA TRP B 123 -5.52 9.38 14.69
C TRP B 123 -5.17 10.41 15.76
N PRO B 124 -5.90 10.45 16.90
CA PRO B 124 -5.49 11.26 18.05
C PRO B 124 -4.23 10.72 18.71
N LYS B 125 -3.68 11.52 19.61
CA LYS B 125 -2.79 11.03 20.65
C LYS B 125 -3.66 10.29 21.67
N PHE B 126 -3.31 9.02 21.93
CA PHE B 126 -3.96 8.19 22.94
C PHE B 126 -2.93 7.21 23.56
N ASN B 127 -3.21 6.74 24.77
CA ASN B 127 -2.42 5.68 25.38
C ASN B 127 -3.18 4.35 25.34
N LYS B 128 -4.50 4.34 25.00
CA LYS B 128 -5.27 3.10 25.01
C LYS B 128 -6.28 3.02 23.86
N VAL B 129 -6.63 1.79 23.46
CA VAL B 129 -7.70 1.50 22.51
C VAL B 129 -8.63 0.49 23.15
N VAL B 130 -9.93 0.79 23.21
CA VAL B 130 -10.94 -0.22 23.54
C VAL B 130 -12.03 -0.09 22.48
N SER B 131 -12.22 -1.13 21.67
CA SER B 131 -13.10 -1.01 20.52
C SER B 131 -13.64 -2.37 20.08
N ASN B 132 -14.87 -2.33 19.56
CA ASN B 132 -15.47 -3.44 18.85
C ASN B 132 -15.17 -3.31 17.35
N ILE B 133 -14.10 -3.96 16.86
CA ILE B 133 -13.53 -3.59 15.59
C ILE B 133 -14.46 -4.03 14.46
N PRO B 134 -14.79 -3.09 13.53
CA PRO B 134 -15.42 -3.44 12.26
C PRO B 134 -14.61 -4.48 11.48
N ALA B 135 -15.28 -5.53 11.00
CA ALA B 135 -14.54 -6.69 10.54
C ALA B 135 -13.77 -6.35 9.27
N LYS B 136 -14.32 -5.46 8.43
CA LYS B 136 -13.77 -5.33 7.08
C LYS B 136 -12.48 -4.48 7.12
N ILE B 137 -12.28 -3.78 8.23
CA ILE B 137 -11.05 -3.05 8.49
C ILE B 137 -10.16 -3.71 9.54
N SER B 138 -10.42 -4.97 9.94
CA SER B 138 -9.67 -5.64 11.01
C SER B 138 -8.16 -5.63 10.74
N SER B 139 -7.78 -5.87 9.48
CA SER B 139 -6.39 -6.02 9.08
C SER B 139 -5.67 -4.67 8.93
N PRO B 140 -6.24 -3.69 8.15
CA PRO B 140 -5.64 -2.34 8.08
C PRO B 140 -5.51 -1.59 9.41
N PHE B 141 -6.57 -1.67 10.22
CA PHE B 141 -6.58 -1.17 11.57
C PHE B 141 -5.45 -1.81 12.40
N THR B 142 -5.35 -3.13 12.33
CA THR B 142 -4.33 -3.79 13.12
C THR B 142 -2.96 -3.23 12.73
N PHE B 143 -2.69 -3.06 11.43
CA PHE B 143 -1.35 -2.67 11.00
C PHE B 143 -1.05 -1.22 11.39
N LYS B 144 -2.10 -0.38 11.46
CA LYS B 144 -1.92 1.01 11.80
C LYS B 144 -1.63 1.16 13.30
N LEU B 145 -2.39 0.41 14.12
CA LEU B 145 -2.31 0.48 15.57
C LEU B 145 -0.94 -0.03 15.98
N LEU B 146 -0.47 -1.06 15.27
CA LEU B 146 0.80 -1.68 15.61
C LEU B 146 1.96 -0.69 15.49
N LYS B 147 1.78 0.39 14.72
CA LYS B 147 2.83 1.38 14.56
C LYS B 147 2.50 2.66 15.33
N THR B 148 1.79 2.53 16.45
CA THR B 148 1.36 3.67 17.26
C THR B 148 2.00 3.55 18.65
N ASP B 149 2.13 4.69 19.36
CA ASP B 149 2.65 4.65 20.73
C ASP B 149 1.49 4.53 21.70
N PHE B 150 1.03 3.29 21.88
CA PHE B 150 -0.05 2.98 22.82
C PHE B 150 0.48 2.03 23.92
N GLU B 151 -0.09 2.09 25.13
CA GLU B 151 0.35 1.15 26.16
C GLU B 151 -0.49 -0.12 26.17
N ARG B 152 -1.78 -0.05 25.87
CA ARG B 152 -2.64 -1.23 25.98
C ARG B 152 -3.88 -1.04 25.12
N ALA B 153 -4.14 -2.01 24.23
CA ALA B 153 -5.31 -2.04 23.37
C ALA B 153 -6.12 -3.31 23.63
N VAL B 154 -7.44 -3.16 23.72
CA VAL B 154 -8.34 -4.28 23.91
C VAL B 154 -9.44 -4.21 22.86
N VAL B 155 -9.40 -5.16 21.92
CA VAL B 155 -10.14 -5.01 20.68
C VAL B 155 -10.87 -6.31 20.39
N MET B 156 -12.17 -6.27 20.06
CA MET B 156 -12.85 -7.49 19.65
C MET B 156 -12.73 -7.65 18.13
N TYR B 157 -12.42 -8.88 17.69
CA TYR B 157 -12.29 -9.22 16.29
C TYR B 157 -13.07 -10.51 16.12
N GLN B 158 -13.34 -10.90 14.87
CA GLN B 158 -13.71 -12.27 14.60
C GLN B 158 -12.59 -13.21 15.05
N LEU B 159 -13.00 -14.38 15.60
CA LEU B 159 -12.13 -15.37 16.21
C LEU B 159 -11.09 -15.90 15.22
N GLU B 160 -11.47 -16.01 13.92
CA GLU B 160 -10.53 -16.56 12.96
C GLU B 160 -9.37 -15.60 12.80
N PHE B 161 -9.69 -14.30 12.88
CA PHE B 161 -8.72 -13.23 12.72
C PHE B 161 -7.89 -13.09 14.00
N ALA B 162 -8.51 -13.35 15.15
CA ALA B 162 -7.80 -13.24 16.41
C ALA B 162 -6.79 -14.38 16.54
N LEU B 163 -7.12 -15.55 15.95
CA LEU B 163 -6.24 -16.71 15.93
C LEU B 163 -5.03 -16.47 15.03
N ARG B 164 -5.21 -15.74 13.92
CA ARG B 164 -4.14 -15.41 12.99
C ARG B 164 -3.19 -14.42 13.64
N MET B 165 -3.73 -13.57 14.49
CA MET B 165 -2.94 -12.64 15.25
C MET B 165 -2.05 -13.32 16.30
N VAL B 166 -2.38 -14.53 16.76
CA VAL B 166 -1.48 -15.20 17.71
C VAL B 166 -0.87 -16.44 17.06
N ALA B 167 -0.99 -16.61 15.74
CA ALA B 167 -0.35 -17.77 15.14
C ALA B 167 1.16 -17.59 15.19
N LYS B 168 1.85 -18.73 15.18
CA LYS B 168 3.29 -18.77 15.38
C LYS B 168 3.99 -19.17 14.07
N PRO B 169 5.23 -18.67 13.81
CA PRO B 169 6.02 -19.08 12.65
C PRO B 169 5.95 -20.55 12.31
N GLY B 170 5.74 -20.81 11.03
CA GLY B 170 5.67 -22.16 10.52
C GLY B 170 4.30 -22.79 10.70
N SER B 171 3.39 -22.14 11.45
CA SER B 171 2.00 -22.59 11.50
C SER B 171 1.29 -22.19 10.19
N ARG B 172 0.28 -22.98 9.79
CA ARG B 172 -0.31 -22.82 8.46
C ARG B 172 -0.95 -21.44 8.29
N ASN B 173 -1.65 -20.94 9.33
CA ASN B 173 -2.34 -19.67 9.23
C ASN B 173 -1.43 -18.48 9.59
N TYR B 174 -0.12 -18.70 9.66
CA TYR B 174 0.84 -17.63 9.93
C TYR B 174 1.01 -16.79 8.66
N SER B 175 0.85 -15.47 8.83
CA SER B 175 0.80 -14.50 7.73
C SER B 175 1.46 -13.17 8.10
N ARG B 176 1.44 -12.22 7.16
CA ARG B 176 1.96 -10.86 7.36
C ARG B 176 1.51 -10.29 8.70
N LEU B 177 0.22 -10.53 8.98
CA LEU B 177 -0.46 -10.03 10.15
C LEU B 177 0.12 -10.67 11.41
N SER B 178 0.30 -12.00 11.36
CA SER B 178 0.91 -12.74 12.46
C SER B 178 2.31 -12.20 12.71
N LEU B 179 3.06 -11.98 11.63
CA LEU B 179 4.48 -11.67 11.77
C LEU B 179 4.62 -10.33 12.45
N MET B 180 3.74 -9.42 12.03
CA MET B 180 3.81 -8.03 12.44
C MET B 180 3.29 -7.92 13.87
N ALA B 181 2.34 -8.79 14.29
CA ALA B 181 1.93 -8.85 15.69
C ALA B 181 3.08 -9.35 16.57
N GLN B 182 3.77 -10.40 16.13
CA GLN B 182 4.89 -10.92 16.91
C GLN B 182 6.10 -9.97 16.91
N ALA B 183 6.35 -9.29 15.78
CA ALA B 183 7.43 -8.32 15.65
C ALA B 183 7.21 -7.14 16.59
N LEU B 184 5.93 -6.76 16.80
CA LEU B 184 5.69 -5.45 17.38
C LEU B 184 4.82 -5.49 18.64
N GLY B 185 4.06 -6.57 18.88
CA GLY B 185 3.11 -6.58 20.00
C GLY B 185 3.29 -7.78 20.93
N ASN B 186 2.78 -7.67 22.17
CA ASN B 186 2.42 -8.85 22.95
C ASN B 186 0.91 -9.08 22.78
N VAL B 187 0.50 -10.22 22.18
CA VAL B 187 -0.90 -10.45 21.86
C VAL B 187 -1.48 -11.63 22.63
N GLU B 188 -2.58 -11.35 23.38
CA GLU B 188 -3.29 -12.27 24.29
C GLU B 188 -4.74 -12.34 23.75
N ILE B 189 -5.24 -13.53 23.39
CA ILE B 189 -6.69 -13.71 23.28
C ILE B 189 -7.25 -13.97 24.68
N VAL B 190 -8.01 -12.99 25.20
CA VAL B 190 -8.51 -13.09 26.57
C VAL B 190 -9.52 -14.25 26.66
N MET B 191 -10.51 -14.28 25.75
CA MET B 191 -11.65 -15.17 25.85
C MET B 191 -12.51 -15.06 24.60
N LYS B 192 -13.06 -16.18 24.14
CA LYS B 192 -14.02 -16.14 23.05
C LYS B 192 -15.26 -15.36 23.50
N ILE B 193 -15.89 -14.63 22.54
CA ILE B 193 -17.15 -13.93 22.70
C ILE B 193 -18.15 -14.54 21.72
N GLY B 194 -19.18 -15.20 22.27
CA GLY B 194 -20.20 -15.85 21.47
C GLY B 194 -20.94 -14.85 20.57
N LYS B 195 -21.36 -15.34 19.41
CA LYS B 195 -22.19 -14.58 18.49
C LYS B 195 -23.46 -14.06 19.17
N GLY B 196 -24.00 -14.77 20.17
CA GLY B 196 -25.17 -14.33 20.91
C GLY B 196 -25.08 -12.85 21.36
N ALA B 197 -23.83 -12.38 21.51
CA ALA B 197 -23.50 -11.15 22.20
C ALA B 197 -23.67 -9.91 21.32
N PHE B 198 -23.86 -10.09 20.00
CA PHE B 198 -24.06 -8.97 19.09
C PHE B 198 -25.43 -9.12 18.40
N TYR B 199 -26.07 -7.98 18.09
CA TYR B 199 -27.23 -7.94 17.19
C TYR B 199 -26.85 -7.20 15.90
N PRO B 200 -27.01 -7.83 14.69
CA PRO B 200 -27.56 -9.18 14.54
C PRO B 200 -26.52 -10.27 14.77
N ARG B 201 -26.98 -11.48 15.11
CA ARG B 201 -26.07 -12.59 15.40
C ARG B 201 -25.10 -12.71 14.23
N PRO B 202 -23.79 -12.55 14.43
CA PRO B 202 -22.85 -12.87 13.36
C PRO B 202 -23.04 -14.35 13.03
N LYS B 203 -22.41 -14.81 11.94
CA LYS B 203 -22.41 -16.22 11.66
C LYS B 203 -21.17 -16.87 12.27
N VAL B 204 -20.31 -16.09 12.95
CA VAL B 204 -19.10 -16.61 13.58
C VAL B 204 -18.75 -15.84 14.87
N ASP B 205 -18.04 -16.53 15.78
CA ASP B 205 -17.75 -16.02 17.11
C ASP B 205 -16.64 -14.98 17.03
N SER B 206 -16.46 -14.25 18.14
CA SER B 206 -15.44 -13.24 18.23
C SER B 206 -14.44 -13.59 19.35
N ALA B 207 -13.42 -12.74 19.53
CA ALA B 207 -12.49 -12.89 20.63
C ALA B 207 -12.12 -11.53 21.21
N LEU B 208 -11.99 -11.48 22.54
CA LEU B 208 -11.48 -10.28 23.20
C LEU B 208 -9.96 -10.34 23.16
N VAL B 209 -9.32 -9.49 22.35
CA VAL B 209 -7.89 -9.61 22.10
C VAL B 209 -7.18 -8.45 22.80
N LEU B 210 -6.05 -8.78 23.45
CA LEU B 210 -5.26 -7.78 24.14
C LEU B 210 -3.89 -7.65 23.47
N ILE B 211 -3.53 -6.39 23.22
CA ILE B 211 -2.30 -6.03 22.55
C ILE B 211 -1.59 -5.04 23.47
N GLU B 212 -0.33 -5.34 23.81
CA GLU B 212 0.59 -4.39 24.39
C GLU B 212 1.80 -4.29 23.47
N PRO B 213 2.44 -3.12 23.33
CA PRO B 213 3.66 -3.02 22.53
C PRO B 213 4.78 -3.85 23.13
N ARG B 214 5.46 -4.61 22.25
CA ARG B 214 6.62 -5.39 22.62
C ARG B 214 7.67 -4.41 23.13
N LYS B 215 8.26 -4.66 24.32
CA LYS B 215 9.22 -3.72 24.88
C LYS B 215 10.43 -3.57 23.94
N ASP B 216 10.73 -4.61 23.14
CA ASP B 216 11.87 -4.64 22.23
C ASP B 216 11.39 -4.94 20.81
N LYS B 217 10.91 -3.89 20.11
CA LYS B 217 10.35 -3.99 18.77
C LYS B 217 11.42 -4.33 17.74
N ILE B 218 11.09 -5.25 16.84
CA ILE B 218 11.83 -5.55 15.62
C ILE B 218 11.19 -4.80 14.46
N VAL B 219 11.78 -3.65 14.11
CA VAL B 219 11.29 -2.78 13.03
C VAL B 219 11.69 -3.41 11.68
N LEU B 220 10.68 -3.83 10.92
CA LEU B 220 10.83 -4.41 9.59
C LEU B 220 10.38 -3.42 8.53
N ASN B 221 10.87 -3.58 7.31
CA ASN B 221 10.45 -2.74 6.19
C ASN B 221 9.10 -3.24 5.66
N GLU B 222 8.07 -2.36 5.62
CA GLU B 222 6.71 -2.67 5.19
C GLU B 222 6.69 -3.31 3.80
N ASN B 223 7.36 -2.64 2.83
CA ASN B 223 7.47 -3.07 1.44
C ASN B 223 8.10 -4.46 1.27
N LEU B 224 9.11 -4.80 2.10
CA LEU B 224 9.79 -6.08 2.04
C LEU B 224 8.93 -7.21 2.60
N VAL B 225 8.32 -6.97 3.76
CA VAL B 225 7.36 -7.90 4.34
C VAL B 225 6.19 -8.11 3.37
N LYS B 226 5.72 -7.04 2.72
CA LYS B 226 4.64 -7.15 1.72
C LYS B 226 5.09 -8.02 0.53
N ALA B 227 6.30 -7.75 0.04
CA ALA B 227 6.90 -8.55 -1.01
C ALA B 227 6.93 -10.03 -0.64
N LEU B 228 7.60 -10.33 0.48
CA LEU B 228 7.75 -11.70 0.99
C LEU B 228 6.41 -12.43 1.07
N PHE B 229 5.40 -11.76 1.65
CA PHE B 229 4.14 -12.40 1.98
C PHE B 229 3.06 -12.19 0.94
N GLN B 230 3.40 -11.95 -0.34
CA GLN B 230 2.44 -12.11 -1.43
C GLN B 230 2.13 -13.60 -1.61
N HIS B 231 3.18 -14.41 -1.68
CA HIS B 231 3.04 -15.86 -1.72
C HIS B 231 3.94 -16.43 -0.65
N ARG B 232 3.31 -16.81 0.46
CA ARG B 232 4.06 -17.18 1.65
C ARG B 232 4.41 -18.67 1.62
N ARG B 233 3.79 -19.44 0.72
CA ARG B 233 4.11 -20.86 0.63
C ARG B 233 5.41 -21.02 -0.16
N LYS B 234 5.85 -19.94 -0.82
CA LYS B 234 7.10 -19.93 -1.58
C LYS B 234 8.32 -19.87 -0.67
N THR B 235 9.45 -20.43 -1.15
CA THR B 235 10.76 -20.23 -0.56
C THR B 235 11.11 -18.74 -0.68
N VAL B 236 12.04 -18.25 0.18
CA VAL B 236 12.32 -16.82 0.27
C VAL B 236 13.20 -16.36 -0.91
N PRO B 237 14.16 -17.17 -1.45
CA PRO B 237 14.76 -16.82 -2.75
C PRO B 237 13.75 -16.60 -3.89
N ARG B 238 12.78 -17.52 -4.03
CA ARG B 238 11.69 -17.40 -4.99
C ARG B 238 10.90 -16.12 -4.71
N ALA B 239 10.44 -15.98 -3.46
CA ALA B 239 9.63 -14.83 -3.09
C ALA B 239 10.33 -13.55 -3.55
N LEU B 240 11.61 -13.39 -3.19
CA LEU B 240 12.31 -12.13 -3.39
C LEU B 240 12.50 -11.85 -4.89
N LYS B 241 12.85 -12.90 -5.65
CA LYS B 241 13.17 -12.74 -7.06
C LYS B 241 11.96 -12.25 -7.83
N ASP B 242 10.80 -12.85 -7.55
CA ASP B 242 9.51 -12.55 -8.18
C ASP B 242 9.12 -11.09 -7.91
N SER B 243 9.22 -10.67 -6.63
CA SER B 243 8.70 -9.38 -6.17
C SER B 243 9.46 -8.19 -6.74
N ILE B 244 10.76 -8.37 -6.96
CA ILE B 244 11.69 -7.32 -7.37
C ILE B 244 11.75 -7.23 -8.90
N HIS B 245 11.80 -8.41 -9.54
CA HIS B 245 11.54 -8.52 -10.96
C HIS B 245 10.25 -7.78 -11.31
N MET B 246 9.15 -7.97 -10.56
CA MET B 246 7.86 -7.37 -10.84
C MET B 246 7.94 -5.83 -10.75
N LEU B 247 8.84 -5.31 -9.90
CA LEU B 247 9.13 -3.89 -9.78
C LEU B 247 9.73 -3.24 -11.05
N GLY B 248 10.36 -4.05 -11.90
CA GLY B 248 10.96 -3.54 -13.13
C GLY B 248 12.44 -3.89 -13.29
N VAL B 249 13.03 -4.54 -12.26
CA VAL B 249 14.45 -4.86 -12.19
C VAL B 249 14.77 -6.00 -13.16
N SER B 250 16.01 -6.01 -13.66
CA SER B 250 16.50 -7.12 -14.46
C SER B 250 16.60 -8.35 -13.56
N LYS B 251 16.14 -9.52 -14.07
CA LYS B 251 16.12 -10.78 -13.35
C LYS B 251 17.51 -11.40 -13.35
N ASP B 252 18.27 -11.05 -14.40
CA ASP B 252 19.70 -11.26 -14.50
C ASP B 252 20.41 -10.54 -13.34
N GLU B 253 20.10 -9.25 -13.11
CA GLU B 253 20.90 -8.36 -12.27
C GLU B 253 20.72 -8.69 -10.79
N ILE B 254 19.93 -9.73 -10.47
CA ILE B 254 19.34 -9.83 -9.14
C ILE B 254 19.52 -11.23 -8.53
N ARG B 255 19.77 -12.23 -9.38
CA ARG B 255 19.76 -13.64 -9.01
C ARG B 255 20.87 -13.93 -7.99
N GLY B 256 22.13 -13.61 -8.35
CA GLY B 256 23.29 -13.92 -7.52
C GLY B 256 23.09 -13.53 -6.05
N ILE B 257 22.90 -12.24 -5.82
CA ILE B 257 22.60 -11.66 -4.51
C ILE B 257 21.51 -12.46 -3.79
N ILE B 258 20.36 -12.65 -4.45
CA ILE B 258 19.15 -13.16 -3.80
C ILE B 258 19.32 -14.64 -3.48
N ASN B 259 20.12 -15.33 -4.31
CA ASN B 259 20.43 -16.71 -4.07
C ASN B 259 21.13 -16.84 -2.72
N ASN B 260 22.03 -15.89 -2.40
CA ASN B 260 22.86 -15.97 -1.19
C ASN B 260 22.17 -15.37 0.06
N VAL B 261 20.89 -14.94 -0.07
CA VAL B 261 20.13 -14.34 1.02
C VAL B 261 20.18 -15.24 2.27
N PRO B 262 20.25 -14.69 3.49
CA PRO B 262 20.05 -15.46 4.72
C PRO B 262 18.66 -16.11 4.83
N HIS B 263 18.64 -17.29 5.48
CA HIS B 263 17.46 -18.09 5.71
C HIS B 263 16.82 -18.45 4.39
N SER B 264 17.65 -18.67 3.36
CA SER B 264 17.15 -19.08 2.06
C SER B 264 16.47 -20.46 2.12
N ASN B 265 16.78 -21.25 3.15
CA ASN B 265 16.26 -22.60 3.32
C ASN B 265 14.82 -22.63 3.86
N LYS B 266 14.25 -21.46 4.21
CA LYS B 266 12.88 -21.39 4.72
C LYS B 266 11.89 -20.91 3.66
N ARG B 267 10.63 -21.32 3.87
CA ARG B 267 9.48 -20.73 3.19
C ARG B 267 9.04 -19.50 3.99
N VAL B 268 8.37 -18.57 3.32
CA VAL B 268 8.12 -17.27 3.91
C VAL B 268 7.27 -17.40 5.16
N PHE B 269 6.41 -18.42 5.23
CA PHE B 269 5.48 -18.52 6.36
C PHE B 269 6.22 -19.09 7.58
N GLN B 270 7.52 -19.38 7.45
CA GLN B 270 8.28 -19.94 8.54
C GLN B 270 9.14 -18.88 9.24
N LEU B 271 9.21 -17.69 8.67
CA LEU B 271 10.13 -16.67 9.12
C LEU B 271 9.65 -16.07 10.44
N TYR B 272 10.54 -16.10 11.46
CA TYR B 272 10.42 -15.23 12.62
C TYR B 272 10.81 -13.80 12.20
N PRO B 273 10.24 -12.75 12.84
CA PRO B 273 10.66 -11.36 12.59
C PRO B 273 12.16 -11.10 12.51
N GLU B 274 12.95 -11.87 13.30
CA GLU B 274 14.38 -11.72 13.44
C GLU B 274 15.03 -12.17 12.13
N GLU B 275 14.45 -13.21 11.52
CA GLU B 275 14.94 -13.78 10.25
C GLU B 275 14.61 -12.86 9.09
N VAL B 276 13.51 -12.12 9.20
CA VAL B 276 13.15 -11.10 8.23
C VAL B 276 14.09 -9.89 8.34
N LYS B 277 14.56 -9.60 9.57
CA LYS B 277 15.46 -8.49 9.84
C LYS B 277 16.84 -8.72 9.20
N ASP B 278 17.34 -9.96 9.28
CA ASP B 278 18.64 -10.35 8.73
C ASP B 278 18.59 -10.18 7.21
N ILE B 279 17.43 -10.54 6.64
CA ILE B 279 17.18 -10.48 5.20
C ILE B 279 17.12 -9.02 4.76
N GLU B 280 16.46 -8.17 5.55
CA GLU B 280 16.43 -6.74 5.29
C GLU B 280 17.86 -6.25 5.27
N GLU B 281 18.62 -6.57 6.32
CA GLU B 281 19.97 -6.03 6.47
C GLU B 281 20.91 -6.46 5.33
N TYR B 282 20.69 -7.69 4.82
CA TYR B 282 21.43 -8.25 3.70
C TYR B 282 21.12 -7.51 2.39
N LEU B 283 19.82 -7.29 2.11
CA LEU B 283 19.33 -6.53 0.96
C LEU B 283 19.76 -5.08 1.09
N LYS B 284 19.71 -4.52 2.31
CA LYS B 284 20.21 -3.17 2.53
C LYS B 284 21.68 -3.10 2.14
N LYS B 285 22.46 -4.14 2.49
CA LYS B 285 23.90 -4.12 2.24
C LYS B 285 24.20 -4.22 0.75
N HIS B 286 23.36 -4.99 0.03
CA HIS B 286 23.58 -5.26 -1.37
C HIS B 286 22.80 -4.28 -2.24
N GLY B 287 22.32 -3.18 -1.62
CA GLY B 287 21.77 -2.02 -2.32
C GLY B 287 20.34 -2.20 -2.86
N ILE B 288 19.65 -3.27 -2.42
CA ILE B 288 18.44 -3.71 -3.09
C ILE B 288 17.22 -2.94 -2.59
N ILE B 289 17.22 -2.45 -1.34
CA ILE B 289 16.04 -1.72 -0.89
C ILE B 289 16.34 -0.22 -0.67
N SER B 290 17.59 0.12 -0.30
CA SER B 290 18.01 1.48 0.00
C SER B 290 16.86 2.31 0.62
ZN ZN C . -17.92 -9.89 -18.87
ZN ZN D . 9.83 -11.56 -16.52
ZN ZN E . 3.85 8.52 -31.27
ZN ZN F . -10.28 -18.70 6.78
N SFG G . 18.24 3.66 -15.98
CA SFG G . 18.82 3.17 -14.70
C SFG G . 18.15 1.84 -14.36
O SFG G . 18.46 1.24 -13.30
OXT SFG G . 17.35 1.42 -15.21
CB SFG G . 18.65 4.25 -13.62
CG SFG G . 19.63 5.39 -13.72
CD SFG G . 19.20 6.66 -13.00
NE SFG G . 18.30 7.44 -13.91
C5' SFG G . 20.36 7.56 -12.54
C4' SFG G . 20.18 8.23 -11.18
O4' SFG G . 19.02 7.61 -10.58
C3' SFG G . 21.33 8.07 -10.13
O3' SFG G . 21.98 9.27 -9.72
C2' SFG G . 20.62 7.49 -8.89
O2' SFG G . 21.10 8.09 -7.70
C1' SFG G . 19.16 7.84 -9.21
N9 SFG G . 18.14 7.10 -8.49
C8 SFG G . 18.04 5.75 -8.29
N7 SFG G . 16.97 5.42 -7.59
C5 SFG G . 16.34 6.63 -7.31
C6 SFG G . 15.17 6.96 -6.59
N6 SFG G . 14.37 6.06 -5.99
N1 SFG G . 14.84 8.29 -6.52
C2 SFG G . 15.62 9.18 -7.11
N3 SFG G . 16.74 8.98 -7.82
C4 SFG G . 17.05 7.68 -7.88
N SFG H . -17.95 -6.71 15.16
CA SFG H . -18.69 -5.74 14.32
C SFG H . -18.41 -6.08 12.86
O SFG H . -18.63 -5.19 12.00
OXT SFG H . -17.98 -7.24 12.63
CB SFG H . -18.32 -4.28 14.66
CG SFG H . -19.46 -3.29 14.37
CD SFG H . -19.10 -1.80 14.40
NE SFG H . -18.34 -1.48 15.64
C5' SFG H . -20.36 -0.91 14.33
C4' SFG H . -20.14 0.56 13.96
O4' SFG H . -18.86 0.61 13.31
C3' SFG H . -21.15 1.22 12.99
O3' SFG H . -21.77 2.42 13.44
C2' SFG H . -20.28 1.75 11.85
O2' SFG H . -20.62 3.07 11.51
C1' SFG H . -18.88 1.72 12.44
N9 SFG H . -17.85 1.54 11.44
C8 SFG H . -17.80 0.54 10.51
N7 SFG H . -16.77 0.64 9.71
C5 SFG H . -16.10 1.79 10.13
C6 SFG H . -14.93 2.41 9.67
N6 SFG H . -14.20 1.97 8.65
N1 SFG H . -14.54 3.54 10.33
C2 SFG H . -15.27 3.97 11.37
N3 SFG H . -16.38 3.44 11.89
C4 SFG H . -16.74 2.35 11.21
#